data_8R74
#
_entry.id   8R74
#
_cell.length_a   53.139
_cell.length_b   62.352
_cell.length_c   98.016
_cell.angle_alpha   90.000
_cell.angle_beta   90.000
_cell.angle_gamma   90.000
#
_symmetry.space_group_name_H-M   'P 21 21 21'
#
loop_
_entity.id
_entity.type
_entity.pdbx_description
1 polymer Galectin-1
2 non-polymer (2~{R},3~{R},4~{S},5~{R},6~{R})-2-(3,4-dichlorophenyl)sulfanyl-6-(hydroxymethyl)-4-[4-(2-oxidanyl-1,3-thiazol-4-yl)-1,2,3-triazol-1-yl]oxane-3,5-diol
3 water water
#
_entity_poly.entity_id   1
_entity_poly.type   'polypeptide(L)'
_entity_poly.pdbx_seq_one_letter_code
;MACGLVASNLNLKPGECLRVRGEVAPDAKSFVLNLGKDSNNLCLHFNPRFNAHGDANTIVCNSKDGGAWGTEQREAVFPF
QPGSVAEVCITFDQANLTVKLPDGYEFKFPNRLNLEAINYMAADGDFKIKCVAFD
;
_entity_poly.pdbx_strand_id   A,B
#
# COMPACT_ATOMS: atom_id res chain seq x y z
N CYS A 3 -11.39 0.73 10.35
CA CYS A 3 -11.17 1.41 9.05
C CYS A 3 -9.75 1.15 8.56
N GLY A 4 -9.59 0.91 7.26
CA GLY A 4 -8.35 0.35 6.81
C GLY A 4 -7.57 1.32 5.91
N LEU A 5 -6.45 0.77 5.42
CA LEU A 5 -5.54 1.50 4.57
CA LEU A 5 -5.54 1.41 4.50
C LEU A 5 -6.28 2.10 3.36
N VAL A 6 -5.77 3.27 2.95
CA VAL A 6 -6.16 3.94 1.72
C VAL A 6 -4.90 4.20 0.93
N ALA A 7 -4.83 3.71 -0.29
CA ALA A 7 -3.67 3.94 -1.12
C ALA A 7 -4.05 4.65 -2.38
N SER A 8 -3.25 5.63 -2.76
CA SER A 8 -3.53 6.39 -3.97
C SER A 8 -2.27 6.51 -4.81
N ASN A 9 -2.45 7.05 -6.01
CA ASN A 9 -1.44 7.04 -7.04
C ASN A 9 -0.89 5.67 -7.38
N LEU A 10 -1.73 4.65 -7.42
N LEU A 10 -1.73 4.63 -7.40
CA LEU A 10 -1.31 3.27 -7.68
CA LEU A 10 -1.33 3.25 -7.69
C LEU A 10 -0.84 3.03 -9.11
C LEU A 10 -0.81 3.06 -9.12
N ASN A 11 -1.40 3.77 -10.07
CA ASN A 11 -1.08 3.62 -11.48
C ASN A 11 -1.09 2.16 -11.95
N LEU A 12 -2.12 1.41 -11.56
CA LEU A 12 -2.25 0.04 -12.01
C LEU A 12 -2.81 0.06 -13.43
N LYS A 13 -2.07 -0.55 -14.36
CA LYS A 13 -2.43 -0.55 -15.77
C LYS A 13 -3.10 -1.87 -16.13
N PRO A 14 -3.80 -1.92 -17.30
CA PRO A 14 -4.44 -3.17 -17.74
C PRO A 14 -3.47 -4.33 -17.77
N GLY A 15 -3.94 -5.46 -17.27
CA GLY A 15 -3.13 -6.66 -17.27
C GLY A 15 -2.21 -6.78 -16.07
N GLU A 16 -2.02 -5.70 -15.30
CA GLU A 16 -1.13 -5.79 -14.14
C GLU A 16 -1.91 -6.37 -12.96
N CYS A 17 -1.25 -7.17 -12.12
CA CYS A 17 -1.94 -7.83 -11.02
C CYS A 17 -1.71 -7.08 -9.71
N LEU A 18 -2.77 -6.76 -9.00
CA LEU A 18 -2.71 -6.24 -7.65
C LEU A 18 -3.07 -7.37 -6.69
N ARG A 19 -2.14 -7.72 -5.80
CA ARG A 19 -2.36 -8.79 -4.84
C ARG A 19 -2.51 -8.17 -3.44
N VAL A 20 -3.58 -8.54 -2.75
CA VAL A 20 -3.82 -8.01 -1.44
C VAL A 20 -4.03 -9.19 -0.49
N ARG A 21 -3.22 -9.27 0.57
N ARG A 21 -3.24 -9.21 0.59
CA ARG A 21 -3.29 -10.35 1.53
CA ARG A 21 -3.28 -10.29 1.55
C ARG A 21 -3.61 -9.74 2.88
C ARG A 21 -3.64 -9.69 2.90
N GLY A 22 -4.56 -10.37 3.60
CA GLY A 22 -4.97 -9.94 4.92
C GLY A 22 -5.42 -11.12 5.78
N GLU A 23 -5.67 -10.84 7.06
N GLU A 23 -5.67 -10.84 7.06
CA GLU A 23 -6.20 -11.82 7.99
CA GLU A 23 -6.20 -11.79 8.01
C GLU A 23 -7.66 -11.45 8.24
C GLU A 23 -7.66 -11.44 8.24
N VAL A 24 -8.53 -12.39 7.92
CA VAL A 24 -9.95 -12.26 8.21
C VAL A 24 -10.14 -12.41 9.72
N ALA A 25 -10.87 -11.47 10.32
CA ALA A 25 -11.07 -11.50 11.77
C ALA A 25 -11.77 -12.80 12.18
N PRO A 26 -11.47 -13.31 13.39
CA PRO A 26 -12.13 -14.53 13.84
C PRO A 26 -13.64 -14.40 13.97
N ASP A 27 -14.14 -13.18 14.16
CA ASP A 27 -15.57 -12.99 14.32
C ASP A 27 -16.13 -12.19 13.15
N ALA A 28 -15.52 -12.36 11.96
CA ALA A 28 -15.77 -11.46 10.84
C ALA A 28 -17.22 -11.52 10.37
N LYS A 29 -17.74 -10.34 10.09
CA LYS A 29 -19.07 -10.19 9.49
C LYS A 29 -18.94 -9.90 8.02
N SER A 30 -17.97 -9.06 7.67
CA SER A 30 -17.81 -8.61 6.31
C SER A 30 -16.45 -7.95 6.15
N PHE A 31 -15.91 -7.89 4.93
CA PHE A 31 -14.82 -6.97 4.63
C PHE A 31 -14.94 -6.42 3.22
N VAL A 32 -14.20 -5.35 2.97
CA VAL A 32 -14.28 -4.63 1.71
C VAL A 32 -12.90 -4.32 1.17
N LEU A 33 -12.77 -4.47 -0.15
CA LEU A 33 -11.70 -3.84 -0.91
C LEU A 33 -12.35 -2.97 -2.00
N ASN A 34 -11.96 -1.70 -2.01
CA ASN A 34 -12.45 -0.75 -2.99
C ASN A 34 -11.33 -0.38 -3.95
N LEU A 35 -11.61 -0.38 -5.25
N LEU A 35 -11.61 -0.40 -5.25
CA LEU A 35 -10.63 0.00 -6.25
CA LEU A 35 -10.65 0.01 -6.26
C LEU A 35 -11.27 0.99 -7.21
C LEU A 35 -11.30 1.04 -7.16
N GLY A 36 -10.53 2.03 -7.58
CA GLY A 36 -11.03 2.95 -8.61
C GLY A 36 -10.15 4.14 -8.78
N LYS A 37 -10.79 5.29 -9.00
CA LYS A 37 -10.16 6.57 -9.18
C LYS A 37 -10.05 7.32 -7.85
N ASP A 38 -11.11 7.27 -7.05
CA ASP A 38 -11.19 7.93 -5.76
C ASP A 38 -12.35 7.32 -5.00
N SER A 39 -12.61 7.81 -3.79
CA SER A 39 -13.59 7.14 -2.94
C SER A 39 -14.99 7.19 -3.54
N ASN A 40 -15.25 8.14 -4.45
CA ASN A 40 -16.59 8.32 -5.00
C ASN A 40 -16.76 7.65 -6.35
N ASN A 41 -15.68 7.09 -6.87
CA ASN A 41 -15.61 6.59 -8.24
C ASN A 41 -14.83 5.27 -8.20
N LEU A 42 -15.56 4.18 -8.01
CA LEU A 42 -15.00 2.85 -7.81
C LEU A 42 -15.36 1.95 -8.98
N CYS A 43 -14.35 1.41 -9.67
CA CYS A 43 -14.59 0.40 -10.66
C CYS A 43 -14.89 -0.95 -10.02
N LEU A 44 -14.44 -1.17 -8.75
CA LEU A 44 -14.80 -2.38 -8.07
C LEU A 44 -14.89 -2.13 -6.55
N HIS A 45 -16.07 -2.40 -5.99
CA HIS A 45 -16.32 -2.60 -4.57
C HIS A 45 -16.51 -4.09 -4.39
N PHE A 46 -15.53 -4.71 -3.67
CA PHE A 46 -15.47 -6.14 -3.50
C PHE A 46 -15.79 -6.45 -2.03
N ASN A 47 -16.93 -7.10 -1.78
CA ASN A 47 -17.49 -7.19 -0.43
C ASN A 47 -17.91 -8.62 -0.09
N PRO A 48 -16.97 -9.48 0.39
CA PRO A 48 -17.38 -10.75 0.99
C PRO A 48 -18.15 -10.53 2.27
N ARG A 49 -19.37 -11.07 2.32
CA ARG A 49 -20.27 -10.96 3.45
C ARG A 49 -20.38 -12.32 4.08
N PHE A 50 -19.81 -12.47 5.30
CA PHE A 50 -20.02 -13.66 6.06
C PHE A 50 -21.46 -13.66 6.56
N ASN A 51 -21.83 -12.58 7.25
CA ASN A 51 -23.21 -12.35 7.67
C ASN A 51 -23.36 -10.84 7.84
N ALA A 52 -23.78 -10.16 6.78
CA ALA A 52 -23.83 -8.71 6.80
C ALA A 52 -24.70 -8.22 5.66
N HIS A 53 -25.24 -7.03 5.89
CA HIS A 53 -25.92 -6.26 4.85
C HIS A 53 -27.01 -7.07 4.15
N GLY A 54 -27.51 -8.09 4.87
CA GLY A 54 -28.60 -8.93 4.39
C GLY A 54 -28.22 -10.26 3.76
N ASP A 55 -26.91 -10.57 3.63
CA ASP A 55 -26.48 -11.79 2.95
C ASP A 55 -25.61 -12.63 3.90
N ALA A 56 -25.58 -13.92 3.63
CA ALA A 56 -24.72 -14.85 4.34
C ALA A 56 -23.85 -15.57 3.32
N ASN A 57 -22.57 -15.68 3.67
CA ASN A 57 -21.55 -16.33 2.86
C ASN A 57 -21.74 -16.03 1.37
N THR A 58 -21.76 -14.74 1.01
CA THR A 58 -21.93 -14.31 -0.36
C THR A 58 -20.96 -13.16 -0.64
N ILE A 59 -20.28 -13.20 -1.80
CA ILE A 59 -19.54 -12.06 -2.31
C ILE A 59 -20.49 -11.15 -3.08
N VAL A 60 -20.56 -9.90 -2.64
CA VAL A 60 -21.25 -8.85 -3.40
C VAL A 60 -20.21 -7.90 -3.97
N CYS A 61 -20.33 -7.65 -5.29
CA CYS A 61 -19.56 -6.62 -5.93
C CYS A 61 -20.45 -5.53 -6.53
N ASN A 62 -19.92 -4.32 -6.58
CA ASN A 62 -20.62 -3.21 -7.22
C ASN A 62 -19.59 -2.25 -7.75
N SER A 63 -20.09 -1.27 -8.49
CA SER A 63 -19.37 -0.07 -8.84
C SER A 63 -19.95 1.13 -8.11
N LYS A 64 -19.23 2.25 -8.17
CA LYS A 64 -19.69 3.53 -7.67
C LYS A 64 -19.26 4.62 -8.65
N ASP A 65 -20.24 5.46 -9.10
CA ASP A 65 -19.96 6.48 -10.08
C ASP A 65 -20.54 7.80 -9.57
N GLY A 66 -19.68 8.80 -9.33
CA GLY A 66 -20.07 10.07 -8.78
C GLY A 66 -20.86 9.90 -7.49
N GLY A 67 -20.45 8.91 -6.67
CA GLY A 67 -21.07 8.69 -5.37
C GLY A 67 -22.22 7.68 -5.40
N ALA A 68 -22.71 7.28 -6.58
CA ALA A 68 -23.88 6.43 -6.70
C ALA A 68 -23.49 4.98 -6.94
N TRP A 69 -24.00 4.09 -6.10
CA TRP A 69 -23.83 2.66 -6.33
C TRP A 69 -24.47 2.26 -7.66
N GLY A 70 -23.82 1.32 -8.34
CA GLY A 70 -24.35 0.66 -9.52
C GLY A 70 -25.27 -0.51 -9.17
N THR A 71 -25.39 -1.47 -10.10
CA THR A 71 -26.18 -2.67 -9.90
CA THR A 71 -26.19 -2.66 -9.84
C THR A 71 -25.31 -3.74 -9.23
N GLU A 72 -25.81 -4.37 -8.21
CA GLU A 72 -25.05 -5.39 -7.50
C GLU A 72 -24.88 -6.65 -8.35
N GLN A 73 -23.72 -7.31 -8.16
CA GLN A 73 -23.46 -8.62 -8.70
C GLN A 73 -23.07 -9.58 -7.58
N ARG A 74 -23.73 -10.73 -7.51
CA ARG A 74 -23.49 -11.70 -6.46
C ARG A 74 -22.82 -12.94 -7.01
N GLU A 75 -21.75 -13.43 -6.32
CA GLU A 75 -21.16 -14.70 -6.70
C GLU A 75 -21.73 -15.84 -5.86
N ALA A 76 -21.56 -17.08 -6.29
CA ALA A 76 -22.02 -18.21 -5.48
C ALA A 76 -20.84 -18.81 -4.68
N VAL A 77 -19.62 -18.51 -5.06
CA VAL A 77 -18.50 -19.15 -4.39
C VAL A 77 -18.12 -18.29 -3.19
N PHE A 78 -17.62 -18.90 -2.10
CA PHE A 78 -17.27 -18.16 -0.91
C PHE A 78 -16.04 -18.78 -0.23
N PRO A 79 -14.85 -18.64 -0.83
CA PRO A 79 -13.67 -19.30 -0.28
C PRO A 79 -12.95 -18.48 0.78
N PHE A 80 -13.67 -18.16 1.84
CA PHE A 80 -13.15 -17.41 2.96
C PHE A 80 -13.64 -18.08 4.22
N GLN A 81 -12.82 -17.99 5.28
CA GLN A 81 -13.12 -18.56 6.58
C GLN A 81 -12.74 -17.54 7.66
N PRO A 82 -13.60 -17.32 8.68
CA PRO A 82 -13.25 -16.44 9.78
C PRO A 82 -11.90 -16.87 10.37
N GLY A 83 -11.04 -15.89 10.63
CA GLY A 83 -9.77 -16.17 11.26
C GLY A 83 -8.65 -16.40 10.25
N SER A 84 -8.95 -16.89 9.04
CA SER A 84 -7.95 -17.34 8.12
C SER A 84 -7.35 -16.20 7.31
N VAL A 85 -6.04 -16.29 7.04
CA VAL A 85 -5.37 -15.48 6.03
C VAL A 85 -6.04 -15.71 4.67
N ALA A 86 -6.22 -14.63 3.90
CA ALA A 86 -6.71 -14.73 2.54
C ALA A 86 -5.98 -13.71 1.67
N GLU A 87 -5.72 -14.12 0.43
N GLU A 87 -5.64 -14.15 0.46
CA GLU A 87 -5.18 -13.27 -0.61
CA GLU A 87 -5.09 -13.30 -0.57
C GLU A 87 -6.11 -13.26 -1.83
C GLU A 87 -6.10 -13.24 -1.73
N VAL A 88 -6.35 -12.03 -2.32
N VAL A 88 -6.25 -12.04 -2.30
CA VAL A 88 -7.16 -11.76 -3.51
CA VAL A 88 -6.96 -11.93 -3.54
C VAL A 88 -6.27 -11.00 -4.49
C VAL A 88 -6.06 -11.21 -4.53
N CYS A 89 -6.37 -11.37 -5.80
CA CYS A 89 -5.59 -10.75 -6.85
C CYS A 89 -6.53 -10.18 -7.90
N ILE A 90 -6.33 -8.90 -8.24
CA ILE A 90 -7.25 -8.23 -9.18
C ILE A 90 -6.45 -7.68 -10.35
N THR A 91 -7.07 -7.79 -11.54
CA THR A 91 -6.54 -7.16 -12.73
C THR A 91 -7.71 -6.66 -13.57
N PHE A 92 -7.43 -5.94 -14.63
CA PHE A 92 -8.55 -5.44 -15.46
C PHE A 92 -8.08 -5.31 -16.89
N ASP A 93 -9.09 -5.28 -17.79
CA ASP A 93 -8.90 -4.81 -19.16
C ASP A 93 -10.10 -3.88 -19.44
N GLN A 94 -10.23 -3.41 -20.67
CA GLN A 94 -11.33 -2.48 -20.98
CA GLN A 94 -11.32 -2.54 -21.11
C GLN A 94 -12.68 -3.16 -20.81
N ALA A 95 -12.77 -4.50 -20.84
CA ALA A 95 -14.05 -5.18 -20.74
C ALA A 95 -14.49 -5.49 -19.31
N ASN A 96 -13.56 -6.03 -18.49
CA ASN A 96 -13.92 -6.56 -17.19
C ASN A 96 -12.73 -6.40 -16.25
N LEU A 97 -13.07 -6.32 -14.96
CA LEU A 97 -12.12 -6.74 -13.92
C LEU A 97 -12.17 -8.25 -13.75
N THR A 98 -11.00 -8.84 -13.45
CA THR A 98 -10.93 -10.24 -13.07
C THR A 98 -10.42 -10.30 -11.64
N VAL A 99 -11.17 -11.02 -10.83
CA VAL A 99 -10.88 -11.21 -9.42
C VAL A 99 -10.52 -12.67 -9.22
N LYS A 100 -9.29 -12.88 -8.72
CA LYS A 100 -8.77 -14.21 -8.44
C LYS A 100 -8.85 -14.43 -6.92
N LEU A 101 -9.54 -15.49 -6.53
CA LEU A 101 -9.89 -15.70 -5.14
C LEU A 101 -8.98 -16.78 -4.59
N PRO A 102 -9.06 -17.04 -3.27
CA PRO A 102 -8.58 -18.34 -2.78
C PRO A 102 -9.29 -19.55 -3.43
N ASP A 103 -8.60 -20.65 -3.34
CA ASP A 103 -9.06 -21.95 -3.74
C ASP A 103 -9.05 -22.09 -5.26
N GLY A 104 -8.34 -21.20 -5.95
CA GLY A 104 -8.24 -21.26 -7.41
C GLY A 104 -9.47 -20.75 -8.14
N TYR A 105 -10.39 -20.08 -7.46
CA TYR A 105 -11.60 -19.61 -8.18
C TYR A 105 -11.31 -18.24 -8.79
N GLU A 106 -11.96 -17.93 -9.92
CA GLU A 106 -11.92 -16.59 -10.47
C GLU A 106 -13.30 -16.20 -11.05
N PHE A 107 -13.54 -14.90 -11.01
CA PHE A 107 -14.76 -14.40 -11.69
C PHE A 107 -14.46 -13.04 -12.30
N LYS A 108 -15.37 -12.62 -13.20
CA LYS A 108 -15.24 -11.33 -13.83
C LYS A 108 -16.42 -10.42 -13.44
N PHE A 109 -16.10 -9.13 -13.40
CA PHE A 109 -17.03 -8.07 -13.07
C PHE A 109 -16.89 -7.04 -14.18
N PRO A 110 -17.97 -6.52 -14.79
CA PRO A 110 -17.78 -5.60 -15.89
C PRO A 110 -17.09 -4.31 -15.50
N ASN A 111 -16.32 -3.79 -16.43
CA ASN A 111 -15.64 -2.52 -16.29
C ASN A 111 -16.64 -1.43 -16.67
N ARG A 112 -17.29 -0.83 -15.69
CA ARG A 112 -18.37 0.10 -15.96
C ARG A 112 -17.90 1.54 -16.13
N LEU A 113 -16.67 1.87 -15.68
N LEU A 113 -16.67 1.86 -15.69
CA LEU A 113 -16.23 3.26 -15.65
CA LEU A 113 -16.21 3.24 -15.63
C LEU A 113 -15.20 3.53 -16.74
C LEU A 113 -15.20 3.53 -16.74
N ASN A 114 -14.72 2.48 -17.40
CA ASN A 114 -13.64 2.62 -18.37
C ASN A 114 -12.46 3.47 -17.85
N LEU A 115 -11.86 3.20 -16.67
CA LEU A 115 -10.77 4.04 -16.17
C LEU A 115 -9.48 3.66 -16.92
N GLU A 116 -8.57 4.61 -17.21
CA GLU A 116 -7.35 4.24 -17.92
C GLU A 116 -6.44 3.33 -17.04
N ALA A 117 -6.55 3.61 -15.75
CA ALA A 117 -5.64 3.06 -14.73
C ALA A 117 -6.41 3.06 -13.44
N ILE A 118 -6.08 2.14 -12.54
CA ILE A 118 -6.67 2.18 -11.24
C ILE A 118 -5.68 2.86 -10.34
N ASN A 119 -6.08 3.99 -9.75
CA ASN A 119 -5.17 4.78 -8.90
C ASN A 119 -5.47 4.70 -7.42
N TYR A 120 -6.57 4.09 -7.00
CA TYR A 120 -7.08 4.19 -5.65
C TYR A 120 -7.44 2.79 -5.19
N MET A 121 -7.01 2.47 -3.94
CA MET A 121 -7.49 1.27 -3.30
C MET A 121 -7.74 1.58 -1.83
N ALA A 122 -8.78 0.98 -1.26
CA ALA A 122 -9.02 1.13 0.16
C ALA A 122 -9.52 -0.19 0.70
N ALA A 123 -9.16 -0.45 1.96
CA ALA A 123 -9.64 -1.64 2.63
C ALA A 123 -10.52 -1.26 3.82
N ASP A 124 -11.52 -2.06 4.13
CA ASP A 124 -12.34 -1.80 5.29
C ASP A 124 -12.94 -3.10 5.80
N GLY A 125 -13.54 -3.01 7.00
CA GLY A 125 -14.20 -4.13 7.65
C GLY A 125 -13.20 -5.09 8.30
N ASP A 126 -13.58 -6.36 8.38
CA ASP A 126 -13.00 -7.32 9.29
C ASP A 126 -11.82 -8.05 8.64
N PHE A 127 -10.86 -7.30 8.10
CA PHE A 127 -9.74 -7.86 7.37
C PHE A 127 -8.54 -6.99 7.66
N LYS A 128 -7.50 -7.55 8.32
CA LYS A 128 -6.30 -6.80 8.62
C LYS A 128 -5.27 -7.00 7.51
N ILE A 129 -4.88 -5.92 6.82
CA ILE A 129 -4.02 -6.04 5.66
C ILE A 129 -2.60 -6.38 6.13
N LYS A 130 -2.02 -7.35 5.45
CA LYS A 130 -0.66 -7.82 5.78
C LYS A 130 0.31 -7.46 4.67
N CYS A 131 -0.14 -7.47 3.40
N CYS A 131 -0.15 -7.49 3.42
CA CYS A 131 0.72 -7.27 2.25
CA CYS A 131 0.66 -6.94 2.36
C CYS A 131 -0.05 -6.79 1.03
C CYS A 131 -0.14 -6.63 1.13
N VAL A 132 0.53 -5.81 0.33
CA VAL A 132 -0.01 -5.38 -0.98
C VAL A 132 1.14 -5.50 -1.99
N ALA A 133 0.91 -6.26 -3.07
CA ALA A 133 1.95 -6.49 -4.04
C ALA A 133 1.46 -6.12 -5.42
N PHE A 134 2.41 -5.67 -6.23
CA PHE A 134 2.14 -5.26 -7.61
C PHE A 134 2.97 -6.11 -8.56
N ASP A 135 2.33 -6.94 -9.41
CA ASP A 135 3.00 -7.53 -10.57
C ASP A 135 2.00 -7.96 -11.68
N CYS B 3 3.22 11.53 -8.86
CA CYS B 3 4.42 10.94 -8.22
C CYS B 3 4.07 9.55 -7.68
N GLY B 4 4.71 9.11 -6.60
CA GLY B 4 4.68 7.69 -6.26
C GLY B 4 3.47 7.37 -5.37
N LEU B 5 3.34 6.10 -5.02
N LEU B 5 3.40 6.12 -4.95
CA LEU B 5 2.32 5.60 -4.12
CA LEU B 5 2.38 5.58 -4.07
C LEU B 5 2.25 6.44 -2.86
C LEU B 5 2.28 6.33 -2.74
N VAL B 6 1.03 6.62 -2.35
CA VAL B 6 0.74 7.32 -1.12
C VAL B 6 -0.21 6.40 -0.37
N ALA B 7 0.10 6.11 0.89
CA ALA B 7 -0.83 5.34 1.69
C ALA B 7 -1.12 6.08 2.98
N SER B 8 -2.39 6.05 3.41
CA SER B 8 -2.79 6.70 4.62
C SER B 8 -3.61 5.67 5.35
N ASN B 9 -3.90 6.18 6.46
CA ASN B 9 -4.64 5.47 7.46
C ASN B 9 -3.93 4.15 7.87
N LEU B 10 -2.56 4.11 7.99
N LEU B 10 -2.55 4.12 7.89
CA LEU B 10 -1.73 2.89 8.15
CA LEU B 10 -1.66 2.97 8.15
C LEU B 10 -1.72 2.28 9.55
C LEU B 10 -1.88 2.30 9.51
N ASN B 11 -1.89 3.13 10.55
CA ASN B 11 -1.93 2.67 11.94
C ASN B 11 -0.75 1.76 12.32
N LEU B 12 0.46 2.14 11.91
CA LEU B 12 1.65 1.41 12.28
C LEU B 12 2.01 1.82 13.71
N LYS B 13 2.09 0.82 14.60
CA LYS B 13 2.36 1.06 16.01
C LYS B 13 3.84 0.86 16.32
N PRO B 14 4.35 1.38 17.45
CA PRO B 14 5.75 1.14 17.86
C PRO B 14 6.12 -0.33 17.76
N GLY B 15 7.29 -0.61 17.18
CA GLY B 15 7.74 -1.98 17.12
C GLY B 15 7.26 -2.74 15.89
N GLU B 16 6.28 -2.21 15.14
CA GLU B 16 5.81 -2.90 13.95
C GLU B 16 6.72 -2.57 12.78
N CYS B 17 6.98 -3.57 11.94
CA CYS B 17 7.85 -3.38 10.80
C CYS B 17 7.04 -3.03 9.54
N LEU B 18 7.53 -2.05 8.81
CA LEU B 18 7.00 -1.71 7.50
C LEU B 18 8.09 -2.06 6.49
N ARG B 19 7.80 -3.04 5.63
CA ARG B 19 8.78 -3.51 4.67
C ARG B 19 8.37 -3.07 3.26
N VAL B 20 9.32 -2.47 2.52
CA VAL B 20 9.07 -1.98 1.18
C VAL B 20 10.13 -2.53 0.23
N ARG B 21 9.68 -3.21 -0.83
CA ARG B 21 10.53 -3.73 -1.89
C ARG B 21 10.13 -2.99 -3.18
N GLY B 22 11.15 -2.62 -3.96
CA GLY B 22 10.94 -1.89 -5.19
C GLY B 22 12.09 -2.07 -6.17
N GLU B 23 11.87 -1.60 -7.40
CA GLU B 23 12.86 -1.64 -8.47
C GLU B 23 13.44 -0.23 -8.63
N VAL B 24 14.76 -0.13 -8.42
CA VAL B 24 15.48 1.10 -8.67
C VAL B 24 15.68 1.22 -10.18
N ALA B 25 15.30 2.38 -10.72
CA ALA B 25 15.37 2.58 -12.15
C ALA B 25 16.81 2.49 -12.63
N PRO B 26 17.05 2.04 -13.88
CA PRO B 26 18.40 1.86 -14.38
C PRO B 26 19.25 3.13 -14.31
N ASP B 27 18.61 4.28 -14.46
CA ASP B 27 19.29 5.57 -14.54
C ASP B 27 18.94 6.42 -13.33
N ALA B 28 18.67 5.77 -12.19
CA ALA B 28 18.14 6.44 -11.02
C ALA B 28 19.09 7.51 -10.51
N LYS B 29 18.50 8.64 -10.11
CA LYS B 29 19.20 9.71 -9.45
C LYS B 29 18.96 9.66 -7.95
N SER B 30 17.73 9.36 -7.55
CA SER B 30 17.46 9.13 -6.15
C SER B 30 16.10 8.52 -5.97
N PHE B 31 15.79 8.11 -4.74
CA PHE B 31 14.41 7.78 -4.40
C PHE B 31 14.13 8.16 -2.95
N VAL B 32 12.83 8.20 -2.62
CA VAL B 32 12.37 8.68 -1.35
C VAL B 32 11.30 7.75 -0.79
N LEU B 33 11.37 7.52 0.51
CA LEU B 33 10.28 7.01 1.32
C LEU B 33 10.00 8.00 2.44
N ASN B 34 8.74 8.45 2.54
CA ASN B 34 8.32 9.38 3.56
C ASN B 34 7.37 8.66 4.50
N LEU B 35 7.55 8.86 5.82
CA LEU B 35 6.68 8.29 6.83
CA LEU B 35 6.69 8.29 6.84
C LEU B 35 6.31 9.38 7.83
N GLY B 36 5.06 9.35 8.30
CA GLY B 36 4.64 10.25 9.34
C GLY B 36 3.13 10.31 9.48
N LYS B 37 2.64 11.51 9.71
CA LYS B 37 1.23 11.78 9.92
C LYS B 37 0.56 12.22 8.62
N ASP B 38 1.23 13.10 7.87
CA ASP B 38 0.73 13.58 6.59
C ASP B 38 1.92 14.17 5.85
N SER B 39 1.69 14.69 4.65
CA SER B 39 2.79 15.12 3.81
C SER B 39 3.62 16.24 4.44
N ASN B 40 3.06 17.00 5.39
CA ASN B 40 3.75 18.12 6.00
C ASN B 40 4.37 17.77 7.36
N ASN B 41 4.14 16.55 7.81
CA ASN B 41 4.48 16.11 9.15
C ASN B 41 5.08 14.71 9.07
N LEU B 42 6.41 14.66 8.84
CA LEU B 42 7.11 13.41 8.57
C LEU B 42 8.08 13.12 9.72
N CYS B 43 7.93 11.96 10.34
CA CYS B 43 8.94 11.51 11.30
C CYS B 43 10.16 10.97 10.56
N LEU B 44 10.01 10.54 9.31
CA LEU B 44 11.16 10.13 8.51
C LEU B 44 10.96 10.44 7.02
N HIS B 45 11.91 11.18 6.47
CA HIS B 45 12.17 11.31 5.06
C HIS B 45 13.47 10.58 4.82
N PHE B 46 13.39 9.52 4.01
CA PHE B 46 14.48 8.60 3.72
C PHE B 46 14.86 8.73 2.26
N ASN B 47 16.04 9.30 1.99
CA ASN B 47 16.39 9.74 0.65
C ASN B 47 17.76 9.22 0.24
N PRO B 48 17.89 7.98 -0.26
CA PRO B 48 19.12 7.54 -0.93
C PRO B 48 19.34 8.36 -2.20
N ARG B 49 20.49 9.04 -2.30
CA ARG B 49 20.83 9.88 -3.44
C ARG B 49 21.97 9.21 -4.20
N PHE B 50 21.67 8.73 -5.40
CA PHE B 50 22.69 8.22 -6.29
C PHE B 50 23.50 9.39 -6.81
N ASN B 51 22.79 10.36 -7.39
CA ASN B 51 23.35 11.65 -7.75
C ASN B 51 22.22 12.66 -7.87
N ALA B 52 22.00 13.44 -6.80
CA ALA B 52 20.86 14.30 -6.67
C ALA B 52 21.06 15.26 -5.51
N HIS B 53 20.47 16.44 -5.64
CA HIS B 53 20.32 17.37 -4.53
C HIS B 53 21.68 17.78 -3.97
N GLY B 54 22.73 17.56 -4.79
CA GLY B 54 24.09 17.91 -4.45
C GLY B 54 24.95 16.79 -3.83
N ASP B 55 24.42 15.57 -3.72
CA ASP B 55 25.12 14.45 -3.11
C ASP B 55 25.22 13.31 -4.12
N ALA B 56 26.26 12.50 -3.94
CA ALA B 56 26.40 11.27 -4.68
C ALA B 56 26.59 10.13 -3.69
N ASN B 57 25.96 9.02 -4.03
CA ASN B 57 25.96 7.80 -3.23
C ASN B 57 25.90 8.10 -1.73
N THR B 58 24.89 8.84 -1.28
CA THR B 58 24.70 9.17 0.12
C THR B 58 23.23 9.02 0.52
N ILE B 59 22.97 8.42 1.70
CA ILE B 59 21.64 8.42 2.27
C ILE B 59 21.47 9.67 3.11
N VAL B 60 20.45 10.47 2.78
CA VAL B 60 20.08 11.63 3.59
C VAL B 60 18.71 11.36 4.23
N CYS B 61 18.63 11.59 5.53
CA CYS B 61 17.37 11.50 6.26
C CYS B 61 17.06 12.83 6.94
N ASN B 62 15.75 13.10 7.08
CA ASN B 62 15.32 14.30 7.79
C ASN B 62 13.91 14.07 8.31
N SER B 63 13.48 15.00 9.17
CA SER B 63 12.11 15.13 9.61
C SER B 63 11.50 16.36 8.95
N LYS B 64 10.17 16.40 8.96
CA LYS B 64 9.42 17.58 8.56
C LYS B 64 8.29 17.84 9.58
N ASP B 65 8.23 19.08 10.08
CA ASP B 65 7.31 19.44 11.14
C ASP B 65 6.60 20.73 10.76
N GLY B 66 5.28 20.66 10.58
CA GLY B 66 4.51 21.78 10.09
C GLY B 66 5.09 22.35 8.80
N GLY B 67 5.60 21.46 7.93
CA GLY B 67 6.15 21.87 6.65
C GLY B 67 7.64 22.21 6.64
N ALA B 68 8.28 22.27 7.83
CA ALA B 68 9.66 22.72 7.95
C ALA B 68 10.59 21.52 8.04
N TRP B 69 11.55 21.41 7.09
CA TRP B 69 12.62 20.42 7.24
C TRP B 69 13.39 20.67 8.52
N GLY B 70 13.80 19.57 9.17
CA GLY B 70 14.65 19.60 10.35
C GLY B 70 16.13 19.61 9.98
N THR B 71 16.98 19.13 10.92
CA THR B 71 18.40 18.96 10.69
C THR B 71 18.67 17.67 9.92
N GLU B 72 19.46 17.75 8.84
CA GLU B 72 19.77 16.56 8.07
C GLU B 72 20.69 15.59 8.83
N GLN B 73 20.52 14.31 8.50
CA GLN B 73 21.43 13.25 8.91
C GLN B 73 21.90 12.49 7.67
N ARG B 74 23.21 12.27 7.56
CA ARG B 74 23.79 11.55 6.44
C ARG B 74 24.43 10.26 6.93
N GLU B 75 24.24 9.17 6.17
CA GLU B 75 24.90 7.91 6.49
C GLU B 75 26.24 7.75 5.76
N ALA B 76 27.00 6.75 6.18
CA ALA B 76 28.32 6.54 5.62
C ALA B 76 28.34 5.27 4.77
N VAL B 77 27.19 4.62 4.59
CA VAL B 77 27.10 3.37 3.84
C VAL B 77 26.04 3.57 2.76
N PHE B 78 26.16 2.91 1.60
CA PHE B 78 25.23 3.11 0.50
C PHE B 78 24.97 1.77 -0.20
N PRO B 79 24.19 0.85 0.41
CA PRO B 79 23.97 -0.45 -0.21
C PRO B 79 22.85 -0.48 -1.25
N PHE B 80 22.95 0.38 -2.26
CA PHE B 80 21.96 0.39 -3.33
C PHE B 80 22.69 0.56 -4.65
N GLN B 81 22.09 0.04 -5.73
N GLN B 81 22.14 -0.01 -5.74
CA GLN B 81 22.64 0.11 -7.08
CA GLN B 81 22.67 0.20 -7.06
C GLN B 81 21.51 0.48 -8.06
C GLN B 81 21.52 0.55 -8.01
N PRO B 82 21.74 1.42 -9.01
CA PRO B 82 20.72 1.69 -10.01
C PRO B 82 20.39 0.40 -10.77
N GLY B 83 19.15 0.27 -11.20
CA GLY B 83 18.76 -0.84 -12.06
C GLY B 83 18.70 -2.17 -11.31
N SER B 84 18.33 -2.14 -10.03
CA SER B 84 18.24 -3.36 -9.25
C SER B 84 17.01 -3.33 -8.33
N VAL B 85 16.70 -4.50 -7.76
CA VAL B 85 15.70 -4.63 -6.70
C VAL B 85 16.33 -4.20 -5.38
N ALA B 86 15.62 -3.35 -4.62
CA ALA B 86 16.05 -2.96 -3.29
C ALA B 86 14.89 -3.08 -2.29
N GLU B 87 15.25 -3.53 -1.08
CA GLU B 87 14.32 -3.67 0.03
C GLU B 87 14.77 -2.88 1.24
N VAL B 88 13.85 -2.19 1.90
CA VAL B 88 14.11 -1.53 3.17
CA VAL B 88 14.09 -1.50 3.16
C VAL B 88 12.99 -1.87 4.14
N CYS B 89 13.35 -1.92 5.43
CA CYS B 89 12.37 -2.17 6.47
C CYS B 89 12.53 -1.11 7.55
N ILE B 90 11.42 -0.59 8.06
CA ILE B 90 11.42 0.51 9.00
C ILE B 90 10.53 0.20 10.19
N THR B 91 10.97 0.57 11.39
CA THR B 91 10.09 0.60 12.55
C THR B 91 10.44 1.79 13.43
N PHE B 92 9.71 1.98 14.56
CA PHE B 92 9.97 3.13 15.40
C PHE B 92 9.59 2.85 16.85
N ASP B 93 10.14 3.68 17.74
CA ASP B 93 9.68 3.84 19.11
C ASP B 93 9.62 5.35 19.37
N GLN B 94 9.27 5.75 20.59
CA GLN B 94 9.11 7.15 20.93
C GLN B 94 10.42 7.93 20.72
N ALA B 95 11.59 7.25 20.79
CA ALA B 95 12.87 7.94 20.67
C ALA B 95 13.50 7.91 19.26
N ASN B 96 13.45 6.78 18.56
CA ASN B 96 14.14 6.61 17.30
C ASN B 96 13.32 5.79 16.30
N LEU B 97 13.53 6.11 15.03
CA LEU B 97 13.25 5.21 13.93
C LEU B 97 14.47 4.34 13.63
N THR B 98 14.20 3.08 13.29
CA THR B 98 15.22 2.15 12.88
C THR B 98 14.98 1.77 11.43
N VAL B 99 16.02 1.93 10.63
CA VAL B 99 16.00 1.64 9.22
C VAL B 99 16.91 0.46 8.96
N LYS B 100 16.35 -0.63 8.43
CA LYS B 100 17.06 -1.84 8.05
C LYS B 100 17.31 -1.81 6.54
N LEU B 101 18.58 -1.80 6.14
CA LEU B 101 18.98 -1.66 4.75
C LEU B 101 19.33 -3.02 4.18
N PRO B 102 19.55 -3.14 2.85
CA PRO B 102 20.20 -4.33 2.32
C PRO B 102 21.58 -4.59 2.93
N ASP B 103 22.00 -5.85 2.86
CA ASP B 103 23.35 -6.25 3.20
C ASP B 103 23.55 -6.20 4.72
N GLY B 104 22.45 -6.23 5.47
CA GLY B 104 22.48 -6.29 6.92
C GLY B 104 22.86 -4.98 7.59
N TYR B 105 22.88 -3.85 6.87
CA TYR B 105 23.20 -2.57 7.51
C TYR B 105 21.95 -2.03 8.19
N GLU B 106 22.11 -1.38 9.35
N GLU B 106 22.16 -1.41 9.35
CA GLU B 106 21.00 -0.79 10.06
CA GLU B 106 21.10 -0.76 10.09
C GLU B 106 21.46 0.51 10.73
C GLU B 106 21.56 0.62 10.51
N PHE B 107 20.59 1.53 10.73
CA PHE B 107 20.89 2.78 11.42
C PHE B 107 19.63 3.35 12.06
N LYS B 108 19.86 4.33 12.94
CA LYS B 108 18.81 4.98 13.69
C LYS B 108 18.73 6.46 13.31
N PHE B 109 17.51 6.98 13.32
CA PHE B 109 17.22 8.37 13.07
C PHE B 109 16.32 8.83 14.22
N PRO B 110 16.59 9.98 14.87
CA PRO B 110 15.76 10.40 15.99
C PRO B 110 14.31 10.71 15.59
N ASN B 111 13.39 10.29 16.47
CA ASN B 111 11.97 10.54 16.32
C ASN B 111 11.64 11.90 16.93
N ARG B 112 11.58 12.92 16.08
CA ARG B 112 11.42 14.28 16.55
C ARG B 112 9.98 14.80 16.58
N LEU B 113 9.01 13.99 16.15
N LEU B 113 8.99 13.99 16.14
CA LEU B 113 7.61 14.40 16.19
CA LEU B 113 7.60 14.42 16.22
C LEU B 113 6.88 13.71 17.35
C LEU B 113 6.89 13.73 17.38
N ASN B 114 7.46 12.64 17.88
CA ASN B 114 6.75 11.75 18.80
C ASN B 114 5.27 11.45 18.42
N LEU B 115 5.00 10.85 17.25
CA LEU B 115 3.62 10.49 16.89
C LEU B 115 3.23 9.21 17.64
N GLU B 116 1.96 8.99 17.94
CA GLU B 116 1.67 7.72 18.57
C GLU B 116 1.73 6.55 17.59
N ALA B 117 1.41 6.86 16.34
CA ALA B 117 1.29 5.87 15.29
C ALA B 117 1.76 6.53 14.01
N ILE B 118 2.29 5.75 13.08
CA ILE B 118 2.60 6.27 11.78
C ILE B 118 1.41 5.91 10.88
N ASN B 119 0.76 6.95 10.36
CA ASN B 119 -0.44 6.78 9.55
C ASN B 119 -0.24 7.04 8.08
N TYR B 120 0.93 7.56 7.67
CA TYR B 120 1.14 8.03 6.32
C TYR B 120 2.48 7.51 5.81
N MET B 121 2.46 7.01 4.58
CA MET B 121 3.69 6.68 3.85
C MET B 121 3.54 7.13 2.41
N ALA B 122 4.62 7.61 1.82
CA ALA B 122 4.64 7.92 0.42
C ALA B 122 6.00 7.57 -0.16
N ALA B 123 5.99 7.20 -1.43
CA ALA B 123 7.19 6.97 -2.18
C ALA B 123 7.34 8.00 -3.27
N ASP B 124 8.60 8.29 -3.63
CA ASP B 124 8.81 9.16 -4.76
C ASP B 124 10.18 8.86 -5.35
N GLY B 125 10.44 9.50 -6.49
CA GLY B 125 11.70 9.35 -7.19
C GLY B 125 11.77 8.05 -7.97
N ASP B 126 12.99 7.55 -8.18
CA ASP B 126 13.28 6.58 -9.23
C ASP B 126 13.22 5.16 -8.68
N PHE B 127 12.03 4.78 -8.18
CA PHE B 127 11.84 3.57 -7.41
C PHE B 127 10.42 3.11 -7.67
N LYS B 128 10.23 1.92 -8.21
CA LYS B 128 8.89 1.43 -8.47
C LYS B 128 8.55 0.42 -7.38
N ILE B 129 7.57 0.72 -6.55
CA ILE B 129 7.21 -0.18 -5.48
C ILE B 129 6.57 -1.44 -6.03
N LYS B 130 7.06 -2.57 -5.53
CA LYS B 130 6.60 -3.89 -5.90
C LYS B 130 5.81 -4.56 -4.76
N CYS B 131 6.17 -4.22 -3.53
N CYS B 131 6.21 -4.36 -3.50
CA CYS B 131 5.47 -4.79 -2.39
CA CYS B 131 5.39 -4.86 -2.40
C CYS B 131 5.59 -3.87 -1.18
C CYS B 131 5.63 -4.06 -1.11
N VAL B 132 4.52 -3.84 -0.39
CA VAL B 132 4.52 -3.22 0.93
C VAL B 132 3.94 -4.23 1.91
N ALA B 133 4.72 -4.56 2.97
CA ALA B 133 4.24 -5.49 3.96
C ALA B 133 4.21 -4.83 5.33
N PHE B 134 3.18 -5.21 6.10
CA PHE B 134 2.86 -4.62 7.38
C PHE B 134 2.99 -5.71 8.41
N ASP B 135 3.99 -5.51 9.26
CA ASP B 135 4.35 -6.48 10.26
C ASP B 135 4.26 -7.88 9.67
#